data_6L3W
#
_entry.id   6L3W
#
_cell.length_a   98.640
_cell.length_b   98.640
_cell.length_c   158.560
_cell.angle_alpha   90.000
_cell.angle_beta   90.000
_cell.angle_gamma   90.000
#
_symmetry.space_group_name_H-M   'I 4 2 2'
#
loop_
_entity.id
_entity.type
_entity.pdbx_description
1 polymer 'Extra-diol dioxygenase BphC'
2 non-polymer 'FE (III) ION'
3 water water
#
_entity_poly.entity_id   1
_entity_poly.type   'polypeptide(L)'
_entity_poly.pdbx_seq_one_letter_code
;MGSSHHHHHHSSGLVPRGSHMIRSMAYLGLVTPAVAEWRNFGSEILGLQLIQLIEDGAARFRMDEADCRLWVHPGEKNDI
GYIGWQLTGEKEARELGDVIAAAGPVITRATPEEAAERCVAGYYWFIDPVGFRHELSWGQYVTPNSFQPGWPMSGFKTGE
QGLGHIVLLVPDLPVADKFYREVMGFHQSDCIRDGSRALHFYHCNGRHHSLAIGSPGPGVRGAHHIMLEVNSIHDVGKAV
DRCELLDVPVSKSIGCHTNDRMVSTYIFSPSVLRVEYGFGGVEIDDLWEPKTYSRTSIWGHKELRPDLPPAMIIEN
;
_entity_poly.pdbx_strand_id   A
#
# COMPACT_ATOMS: atom_id res chain seq x y z
N SER A 19 -18.24 5.88 -15.38
CA SER A 19 -16.92 5.41 -15.84
C SER A 19 -16.39 4.36 -14.85
N HIS A 20 -16.97 4.32 -13.65
CA HIS A 20 -16.70 3.37 -12.54
C HIS A 20 -15.22 3.06 -12.31
N MET A 21 -14.33 4.04 -12.30
CA MET A 21 -12.89 3.79 -12.10
C MET A 21 -12.43 3.90 -10.64
N ILE A 22 -11.37 3.18 -10.30
CA ILE A 22 -10.71 3.30 -8.98
C ILE A 22 -9.94 4.61 -9.07
N ARG A 23 -10.07 5.45 -8.07
CA ARG A 23 -9.47 6.80 -8.06
C ARG A 23 -8.12 6.77 -7.39
N SER A 24 -8.05 6.12 -6.24
CA SER A 24 -6.85 6.00 -5.43
C SER A 24 -6.99 4.83 -4.46
N MET A 25 -5.89 4.52 -3.76
CA MET A 25 -5.91 3.66 -2.58
C MET A 25 -6.40 4.50 -1.39
N ALA A 26 -7.46 4.04 -0.73
CA ALA A 26 -8.15 4.77 0.34
C ALA A 26 -7.54 4.43 1.71
N TYR A 27 -7.38 3.14 1.99
CA TYR A 27 -6.99 2.66 3.31
C TYR A 27 -6.41 1.24 3.20
N LEU A 28 -5.88 0.74 4.31
CA LEU A 28 -5.19 -0.53 4.34
C LEU A 28 -5.40 -1.22 5.70
N GLY A 29 -5.59 -2.54 5.65
CA GLY A 29 -5.73 -3.37 6.82
C GLY A 29 -4.63 -4.42 6.89
N LEU A 30 -3.79 -4.32 7.90
CA LEU A 30 -2.74 -5.30 8.16
C LEU A 30 -3.16 -6.22 9.31
N VAL A 31 -2.69 -7.46 9.26
CA VAL A 31 -2.86 -8.44 10.33
C VAL A 31 -1.47 -8.88 10.80
N THR A 32 -1.28 -8.88 12.12
CA THR A 32 -0.02 -9.30 12.73
C THR A 32 -0.27 -9.72 14.18
N PRO A 33 0.52 -10.67 14.73
CA PRO A 33 0.57 -10.90 16.16
C PRO A 33 1.21 -9.74 16.92
N ALA A 34 2.13 -9.02 16.26
CA ALA A 34 2.95 -7.98 16.89
C ALA A 34 2.25 -6.63 16.81
N VAL A 35 1.08 -6.52 17.45
CA VAL A 35 0.22 -5.35 17.35
C VAL A 35 0.81 -4.19 18.17
N ALA A 36 1.29 -4.50 19.37
CA ALA A 36 1.83 -3.51 20.30
C ALA A 36 3.11 -2.88 19.73
N GLU A 37 3.90 -3.71 19.05
CA GLU A 37 5.15 -3.28 18.42
C GLU A 37 4.82 -2.37 17.23
N TRP A 38 3.75 -2.69 16.49
CA TRP A 38 3.29 -1.89 15.33
C TRP A 38 2.68 -0.56 15.81
N ARG A 39 1.95 -0.62 16.94
CA ARG A 39 1.30 0.55 17.54
C ARG A 39 2.35 1.65 17.79
N ASN A 40 3.52 1.24 18.30
CA ASN A 40 4.63 2.14 18.55
C ASN A 40 5.32 2.50 17.23
N PHE A 41 5.58 1.48 16.40
CA PHE A 41 6.33 1.63 15.15
C PHE A 41 5.70 2.70 14.25
N GLY A 42 4.36 2.66 14.13
CA GLY A 42 3.63 3.56 13.25
C GLY A 42 3.85 5.02 13.61
N SER A 43 3.90 5.31 14.91
CA SER A 43 4.02 6.67 15.40
C SER A 43 5.49 7.10 15.48
N GLU A 44 6.32 6.25 16.09
CA GLU A 44 7.69 6.61 16.47
C GLU A 44 8.61 6.61 15.26
N ILE A 45 8.36 5.73 14.27
CA ILE A 45 9.25 5.57 13.11
C ILE A 45 8.65 6.25 11.86
N LEU A 46 7.40 5.92 11.53
CA LEU A 46 6.77 6.36 10.28
C LEU A 46 6.22 7.78 10.43
N GLY A 47 5.86 8.16 11.67
CA GLY A 47 5.35 9.50 11.96
C GLY A 47 3.87 9.63 11.66
N LEU A 48 3.15 8.50 11.71
CA LEU A 48 1.69 8.50 11.64
C LEU A 48 1.15 8.97 12.99
N GLN A 49 -0.11 9.43 12.98
CA GLN A 49 -0.83 9.83 14.17
C GLN A 49 -1.61 8.63 14.71
N LEU A 50 -1.32 8.23 15.95
CA LEU A 50 -2.12 7.25 16.67
C LEU A 50 -3.48 7.87 16.97
N ILE A 51 -4.54 7.07 16.82
CA ILE A 51 -5.84 7.35 17.40
C ILE A 51 -6.19 6.17 18.31
N GLN A 52 -7.39 6.16 18.86
CA GLN A 52 -7.84 5.10 19.75
C GLN A 52 -7.94 3.79 18.95
N LEU A 53 -7.78 2.65 19.65
CA LEU A 53 -7.84 1.33 19.05
C LEU A 53 -9.30 1.06 18.61
N ILE A 54 -9.52 0.09 17.72
CA ILE A 54 -10.89 -0.41 17.50
C ILE A 54 -11.36 -1.05 18.82
N GLU A 55 -12.62 -1.48 18.84
CA GLU A 55 -13.24 -2.10 20.00
C GLU A 55 -12.55 -3.45 20.30
N ASP A 56 -11.89 -4.01 19.28
CA ASP A 56 -11.27 -5.35 19.33
C ASP A 56 -9.75 -5.31 19.53
N GLY A 57 -9.15 -4.11 19.61
CA GLY A 57 -7.75 -3.92 20.05
C GLY A 57 -6.75 -3.72 18.90
N ALA A 58 -7.24 -3.36 17.72
CA ALA A 58 -6.38 -3.02 16.58
C ALA A 58 -5.81 -1.61 16.75
N ALA A 59 -4.54 -1.45 16.37
CA ALA A 59 -3.91 -0.13 16.28
C ALA A 59 -4.46 0.61 15.06
N ARG A 60 -4.66 1.92 15.19
CA ARG A 60 -5.28 2.74 14.15
C ARG A 60 -4.49 4.04 13.99
N PHE A 61 -4.29 4.44 12.72
CA PHE A 61 -3.43 5.55 12.37
C PHE A 61 -4.10 6.45 11.32
N ARG A 62 -3.70 7.72 11.35
CA ARG A 62 -4.01 8.71 10.32
C ARG A 62 -2.69 9.22 9.71
N MET A 63 -2.78 9.73 8.47
CA MET A 63 -1.63 10.34 7.80
C MET A 63 -2.03 11.66 7.10
N ASP A 64 -3.32 12.03 7.22
CA ASP A 64 -3.90 13.18 6.54
C ASP A 64 -5.27 13.43 7.18
N GLU A 65 -6.19 14.07 6.46
CA GLU A 65 -7.43 14.53 7.06
C GLU A 65 -8.42 13.36 7.22
N ALA A 66 -8.14 12.21 6.57
CA ALA A 66 -8.96 11.01 6.73
C ALA A 66 -8.95 10.55 8.19
N ASP A 67 -10.10 10.09 8.69
CA ASP A 67 -10.26 9.70 10.09
C ASP A 67 -9.37 8.48 10.40
N CYS A 68 -9.20 7.60 9.41
CA CYS A 68 -8.35 6.41 9.56
C CYS A 68 -8.02 5.80 8.19
N ARG A 69 -6.72 5.62 7.91
CA ARG A 69 -6.25 5.04 6.67
C ARG A 69 -5.55 3.68 6.91
N LEU A 70 -5.07 3.41 8.13
CA LEU A 70 -4.37 2.14 8.41
C LEU A 70 -4.88 1.49 9.71
N TRP A 71 -5.20 0.20 9.60
CA TRP A 71 -5.51 -0.68 10.73
C TRP A 71 -4.42 -1.74 10.87
N VAL A 72 -4.04 -2.06 12.10
CA VAL A 72 -3.24 -3.25 12.38
C VAL A 72 -4.02 -4.15 13.36
N HIS A 73 -4.68 -5.18 12.81
CA HIS A 73 -5.54 -6.08 13.57
C HIS A 73 -4.72 -7.23 14.17
N PRO A 74 -5.06 -7.71 15.38
CA PRO A 74 -4.46 -8.94 15.91
C PRO A 74 -4.76 -10.17 15.04
N GLY A 75 -3.76 -11.05 14.92
CA GLY A 75 -3.88 -12.30 14.17
C GLY A 75 -2.74 -13.26 14.50
N GLU A 76 -2.89 -14.50 14.03
CA GLU A 76 -1.95 -15.58 14.33
C GLU A 76 -0.70 -15.46 13.45
N LYS A 77 -0.90 -14.98 12.21
CA LYS A 77 0.19 -14.80 11.25
C LYS A 77 0.16 -13.37 10.70
N ASN A 78 1.23 -13.01 9.98
CA ASN A 78 1.33 -11.75 9.26
C ASN A 78 0.54 -11.89 7.95
N ASP A 79 -0.24 -10.85 7.61
CA ASP A 79 -1.16 -10.94 6.49
C ASP A 79 -1.65 -9.54 6.08
N ILE A 80 -2.06 -9.43 4.82
CA ILE A 80 -2.83 -8.30 4.31
C ILE A 80 -4.32 -8.60 4.55
N GLY A 81 -4.90 -7.94 5.55
CA GLY A 81 -6.31 -8.12 5.92
C GLY A 81 -7.25 -7.67 4.81
N TYR A 82 -7.00 -6.46 4.28
CA TYR A 82 -7.85 -5.86 3.24
C TYR A 82 -7.17 -4.63 2.64
N ILE A 83 -7.51 -4.34 1.37
CA ILE A 83 -7.01 -3.17 0.64
C ILE A 83 -8.21 -2.32 0.24
N GLY A 84 -8.28 -1.09 0.77
CA GLY A 84 -9.36 -0.17 0.47
C GLY A 84 -9.03 0.69 -0.74
N TRP A 85 -9.94 0.71 -1.72
CA TRP A 85 -9.84 1.57 -2.90
C TRP A 85 -10.93 2.64 -2.84
N GLN A 86 -10.63 3.80 -3.45
CA GLN A 86 -11.53 4.95 -3.49
C GLN A 86 -12.25 4.99 -4.83
N LEU A 87 -13.57 5.21 -4.77
CA LEU A 87 -14.41 5.48 -5.94
C LEU A 87 -15.33 6.67 -5.63
N THR A 88 -15.87 7.29 -6.68
CA THR A 88 -16.61 8.56 -6.55
C THR A 88 -17.82 8.37 -5.62
N GLY A 89 -18.60 7.29 -5.86
CA GLY A 89 -19.81 7.01 -5.10
C GLY A 89 -20.27 5.57 -5.25
N GLU A 90 -21.49 5.30 -4.78
CA GLU A 90 -22.08 3.96 -4.72
C GLU A 90 -22.20 3.36 -6.13
N LYS A 91 -22.63 4.19 -7.09
CA LYS A 91 -22.95 3.73 -8.46
C LYS A 91 -21.68 3.20 -9.14
N GLU A 92 -20.57 3.91 -8.94
CA GLU A 92 -19.30 3.60 -9.59
C GLU A 92 -18.73 2.30 -9.01
N ALA A 93 -18.86 2.13 -7.68
CA ALA A 93 -18.40 0.92 -6.99
C ALA A 93 -19.27 -0.29 -7.37
N ARG A 94 -20.58 -0.06 -7.51
CA ARG A 94 -21.54 -1.09 -7.93
C ARG A 94 -21.21 -1.54 -9.36
N GLU A 95 -20.97 -0.57 -10.24
CA GLU A 95 -20.75 -0.84 -11.65
C GLU A 95 -19.45 -1.63 -11.83
N LEU A 96 -18.38 -1.19 -11.15
CA LEU A 96 -17.11 -1.92 -11.17
C LEU A 96 -17.33 -3.31 -10.56
N GLY A 97 -18.10 -3.36 -9.47
CA GLY A 97 -18.52 -4.61 -8.85
C GLY A 97 -19.08 -5.59 -9.88
N ASP A 98 -20.00 -5.10 -10.73
CA ASP A 98 -20.67 -5.93 -11.74
C ASP A 98 -19.63 -6.52 -12.70
N VAL A 99 -18.64 -5.70 -13.09
CA VAL A 99 -17.56 -6.13 -14.00
C VAL A 99 -16.79 -7.26 -13.32
N ILE A 100 -16.43 -7.05 -12.04
CA ILE A 100 -15.70 -8.04 -11.26
C ILE A 100 -16.55 -9.32 -11.14
N ALA A 101 -17.82 -9.16 -10.76
CA ALA A 101 -18.72 -10.29 -10.52
C ALA A 101 -18.77 -11.19 -11.76
N ALA A 102 -18.84 -10.57 -12.94
CA ALA A 102 -18.90 -11.27 -14.23
C ALA A 102 -17.63 -12.12 -14.44
N ALA A 103 -16.50 -11.71 -13.83
CA ALA A 103 -15.22 -12.37 -14.00
C ALA A 103 -15.02 -13.50 -12.99
N GLY A 104 -15.85 -13.57 -11.94
CA GLY A 104 -15.84 -14.72 -11.02
C GLY A 104 -16.12 -14.34 -9.57
N PRO A 105 -15.32 -13.46 -8.94
CA PRO A 105 -15.47 -13.15 -7.51
C PRO A 105 -16.86 -12.62 -7.11
N VAL A 106 -17.35 -13.10 -5.96
CA VAL A 106 -18.62 -12.65 -5.37
C VAL A 106 -18.42 -11.24 -4.81
N ILE A 107 -19.34 -10.34 -5.19
CA ILE A 107 -19.41 -8.98 -4.65
C ILE A 107 -20.40 -8.99 -3.47
N THR A 108 -19.97 -8.41 -2.34
CA THR A 108 -20.78 -8.28 -1.15
C THR A 108 -20.78 -6.82 -0.68
N ARG A 109 -21.97 -6.26 -0.49
CA ARG A 109 -22.15 -4.94 0.10
C ARG A 109 -21.92 -5.06 1.61
N ALA A 110 -21.10 -4.14 2.15
CA ALA A 110 -20.87 -4.09 3.58
C ALA A 110 -22.15 -3.62 4.30
N THR A 111 -22.34 -4.11 5.52
CA THR A 111 -23.40 -3.61 6.39
C THR A 111 -23.06 -2.17 6.78
N PRO A 112 -24.05 -1.35 7.21
CA PRO A 112 -23.75 -0.01 7.72
C PRO A 112 -22.71 0.02 8.84
N GLU A 113 -22.79 -0.96 9.75
CA GLU A 113 -21.91 -1.02 10.91
C GLU A 113 -20.49 -1.40 10.47
N GLU A 114 -20.37 -2.19 9.39
CA GLU A 114 -19.07 -2.59 8.82
C GLU A 114 -18.40 -1.39 8.13
N ALA A 115 -19.18 -0.68 7.32
CA ALA A 115 -18.75 0.51 6.60
C ALA A 115 -18.19 1.57 7.57
N ALA A 116 -18.84 1.71 8.73
CA ALA A 116 -18.44 2.69 9.74
C ALA A 116 -17.13 2.28 10.42
N GLU A 117 -16.91 0.97 10.63
CA GLU A 117 -15.64 0.45 11.18
C GLU A 117 -14.47 0.85 10.26
N ARG A 118 -14.74 0.91 8.94
CA ARG A 118 -13.75 1.30 7.94
C ARG A 118 -13.73 2.83 7.73
N CYS A 119 -14.58 3.56 8.46
CA CYS A 119 -14.70 5.02 8.35
C CYS A 119 -14.93 5.41 6.89
N VAL A 120 -15.97 4.81 6.28
CA VAL A 120 -16.41 5.13 4.93
C VAL A 120 -17.95 5.12 4.91
N ALA A 121 -18.53 5.81 3.93
CA ALA A 121 -19.98 5.87 3.74
C ALA A 121 -20.52 4.46 3.41
N GLY A 122 -19.74 3.69 2.67
CA GLY A 122 -20.08 2.30 2.31
C GLY A 122 -19.00 1.66 1.45
N TYR A 123 -19.06 0.33 1.33
CA TYR A 123 -18.14 -0.39 0.45
C TYR A 123 -18.69 -1.77 0.05
N TYR A 124 -18.40 -2.15 -1.19
CA TYR A 124 -18.50 -3.50 -1.68
C TYR A 124 -17.10 -4.14 -1.55
N TRP A 125 -17.06 -5.42 -1.19
CA TRP A 125 -15.80 -6.16 -1.09
C TRP A 125 -15.88 -7.48 -1.86
N PHE A 126 -14.69 -8.03 -2.16
CA PHE A 126 -14.54 -9.30 -2.86
C PHE A 126 -13.12 -9.81 -2.63
N ILE A 127 -12.89 -11.08 -2.98
CA ILE A 127 -11.58 -11.72 -2.87
C ILE A 127 -11.01 -11.89 -4.29
N ASP A 128 -9.76 -11.49 -4.47
CA ASP A 128 -8.95 -11.77 -5.64
C ASP A 128 -8.99 -13.25 -5.97
N PRO A 129 -8.90 -13.62 -7.27
CA PRO A 129 -8.57 -14.99 -7.66
C PRO A 129 -7.32 -15.50 -6.93
N VAL A 130 -6.37 -14.58 -6.70
CA VAL A 130 -5.11 -14.86 -6.03
C VAL A 130 -5.36 -15.15 -4.55
N GLY A 131 -6.19 -14.34 -3.88
CA GLY A 131 -6.56 -14.56 -2.46
C GLY A 131 -6.62 -13.30 -1.60
N PHE A 132 -6.32 -12.13 -2.16
CA PHE A 132 -6.35 -10.84 -1.44
C PHE A 132 -7.75 -10.23 -1.44
N ARG A 133 -8.13 -9.65 -0.30
CA ARG A 133 -9.41 -8.97 -0.11
C ARG A 133 -9.27 -7.51 -0.55
N HIS A 134 -10.15 -7.08 -1.46
CA HIS A 134 -10.22 -5.68 -1.93
C HIS A 134 -11.59 -5.09 -1.57
N GLU A 135 -11.60 -3.82 -1.16
CA GLU A 135 -12.81 -3.12 -0.75
C GLU A 135 -12.98 -1.86 -1.61
N LEU A 136 -14.06 -1.83 -2.39
CA LEU A 136 -14.42 -0.70 -3.24
C LEU A 136 -15.29 0.26 -2.41
N SER A 137 -14.69 1.37 -1.96
CA SER A 137 -15.27 2.25 -0.96
C SER A 137 -15.58 3.64 -1.56
N TRP A 138 -16.29 4.46 -0.79
CA TRP A 138 -16.59 5.84 -1.16
C TRP A 138 -17.00 6.61 0.10
N GLY A 139 -16.97 7.94 0.01
CA GLY A 139 -17.34 8.84 1.09
C GLY A 139 -16.53 8.57 2.34
N GLN A 140 -15.20 8.53 2.18
CA GLN A 140 -14.28 8.33 3.29
C GLN A 140 -14.50 9.46 4.32
N TYR A 141 -14.55 9.09 5.60
CA TYR A 141 -14.70 10.04 6.70
C TYR A 141 -13.42 10.87 6.83
N VAL A 142 -13.57 12.20 6.88
CA VAL A 142 -12.45 13.10 7.04
C VAL A 142 -12.75 14.07 8.18
N THR A 143 -11.69 14.53 8.86
CA THR A 143 -11.73 15.56 9.89
C THR A 143 -10.66 16.59 9.58
N PRO A 144 -11.02 17.79 9.08
CA PRO A 144 -10.02 18.79 8.68
C PRO A 144 -9.21 19.36 9.86
N ASN A 145 -7.93 19.65 9.60
CA ASN A 145 -7.06 20.44 10.47
C ASN A 145 -7.00 19.83 11.88
N SER A 146 -6.87 18.51 11.98
CA SER A 146 -6.70 17.84 13.28
C SER A 146 -5.54 16.84 13.27
N PHE A 147 -4.87 16.69 12.12
CA PHE A 147 -3.77 15.74 11.95
C PHE A 147 -2.44 16.41 12.33
N GLN A 148 -1.62 15.67 13.10
CA GLN A 148 -0.27 16.06 13.45
C GLN A 148 0.58 14.79 13.50
N PRO A 149 1.76 14.76 12.82
CA PRO A 149 2.62 13.58 12.82
C PRO A 149 3.13 13.13 14.20
N GLY A 150 3.51 11.84 14.26
CA GLY A 150 4.06 11.19 15.46
C GLY A 150 5.46 11.68 15.83
N TRP A 151 6.13 12.37 14.91
CA TRP A 151 7.35 13.12 15.21
C TRP A 151 7.48 14.30 14.25
N PRO A 152 8.38 15.27 14.51
CA PRO A 152 8.46 16.49 13.68
C PRO A 152 8.92 16.21 12.25
N MET A 153 8.00 15.77 11.40
CA MET A 153 8.22 15.64 9.94
C MET A 153 7.14 16.44 9.22
N SER A 154 7.29 16.60 7.90
CA SER A 154 6.55 17.58 7.12
C SER A 154 5.24 16.99 6.57
N GLY A 155 4.80 15.85 7.11
CA GLY A 155 3.54 15.22 6.72
C GLY A 155 3.67 14.46 5.42
N PHE A 156 2.54 14.01 4.88
CA PHE A 156 2.50 13.06 3.77
C PHE A 156 1.76 13.68 2.58
N LYS A 157 2.12 13.19 1.37
CA LYS A 157 1.47 13.58 0.14
C LYS A 157 0.42 12.53 -0.21
N THR A 158 -0.85 12.91 -0.08
CA THR A 158 -1.99 12.03 -0.33
C THR A 158 -2.92 12.72 -1.35
N GLY A 159 -4.09 13.18 -0.89
CA GLY A 159 -5.10 13.82 -1.74
C GLY A 159 -5.56 12.90 -2.86
N GLU A 160 -5.40 13.37 -4.10
CA GLU A 160 -5.88 12.67 -5.31
C GLU A 160 -5.05 11.39 -5.55
N GLN A 161 -3.88 11.28 -4.91
CA GLN A 161 -2.96 10.15 -5.06
C GLN A 161 -3.14 9.12 -3.93
N GLY A 162 -3.96 9.46 -2.93
CA GLY A 162 -4.37 8.52 -1.89
C GLY A 162 -3.23 8.11 -0.97
N LEU A 163 -3.41 6.98 -0.29
CA LEU A 163 -2.52 6.49 0.77
C LEU A 163 -1.09 6.37 0.23
N GLY A 164 -0.96 5.81 -0.97
CA GLY A 164 0.33 5.46 -1.55
C GLY A 164 0.18 4.24 -2.44
N HIS A 165 1.03 3.22 -2.23
CA HIS A 165 0.91 1.98 -2.98
C HIS A 165 1.36 0.77 -2.15
N ILE A 166 0.98 -0.40 -2.67
CA ILE A 166 1.31 -1.70 -2.10
C ILE A 166 1.88 -2.55 -3.23
N VAL A 167 2.86 -3.40 -2.89
CA VAL A 167 3.47 -4.34 -3.82
C VAL A 167 3.23 -5.75 -3.28
N LEU A 168 2.47 -6.55 -4.04
CA LEU A 168 2.06 -7.90 -3.69
C LEU A 168 2.89 -8.92 -4.46
N LEU A 169 3.03 -10.12 -3.87
CA LEU A 169 3.67 -11.27 -4.51
C LEU A 169 2.59 -12.31 -4.83
N VAL A 170 2.60 -12.83 -6.07
CA VAL A 170 1.51 -13.65 -6.60
C VAL A 170 2.07 -14.96 -7.17
N PRO A 171 1.31 -16.08 -7.08
CA PRO A 171 1.72 -17.35 -7.69
C PRO A 171 1.91 -17.32 -9.21
N ASP A 172 1.03 -16.59 -9.91
CA ASP A 172 0.87 -16.63 -11.36
C ASP A 172 0.72 -15.20 -11.88
N LEU A 173 1.81 -14.65 -12.43
CA LEU A 173 1.90 -13.22 -12.78
C LEU A 173 0.92 -12.88 -13.90
N PRO A 174 0.85 -13.66 -15.01
CA PRO A 174 -0.16 -13.45 -16.05
C PRO A 174 -1.63 -13.46 -15.57
N VAL A 175 -1.99 -14.40 -14.70
CA VAL A 175 -3.37 -14.50 -14.19
C VAL A 175 -3.67 -13.23 -13.38
N ALA A 176 -2.76 -12.87 -12.49
CA ALA A 176 -2.88 -11.70 -11.62
C ALA A 176 -2.91 -10.42 -12.45
N ASP A 177 -1.94 -10.27 -13.36
CA ASP A 177 -1.79 -9.09 -14.21
C ASP A 177 -3.09 -8.85 -15.00
N LYS A 178 -3.58 -9.91 -15.65
CA LYS A 178 -4.78 -9.84 -16.49
C LYS A 178 -5.98 -9.37 -15.63
N PHE A 179 -6.07 -9.89 -14.39
CA PHE A 179 -7.20 -9.58 -13.52
C PHE A 179 -7.17 -8.12 -13.07
N TYR A 180 -5.99 -7.61 -12.72
CA TYR A 180 -5.88 -6.24 -12.20
C TYR A 180 -6.16 -5.22 -13.30
N ARG A 181 -5.73 -5.52 -14.54
CA ARG A 181 -5.84 -4.60 -15.66
C ARG A 181 -7.20 -4.74 -16.36
N GLU A 182 -7.59 -5.97 -16.72
CA GLU A 182 -8.78 -6.20 -17.55
C GLU A 182 -10.08 -6.12 -16.75
N VAL A 183 -10.03 -6.41 -15.44
CA VAL A 183 -11.22 -6.51 -14.61
C VAL A 183 -11.29 -5.31 -13.66
N MET A 184 -10.27 -5.11 -12.83
CA MET A 184 -10.27 -4.04 -11.83
C MET A 184 -9.98 -2.67 -12.50
N GLY A 185 -9.40 -2.70 -13.70
CA GLY A 185 -9.31 -1.53 -14.56
C GLY A 185 -8.11 -0.65 -14.26
N PHE A 186 -7.04 -1.24 -13.69
CA PHE A 186 -5.77 -0.55 -13.52
C PHE A 186 -5.06 -0.44 -14.87
N HIS A 187 -4.25 0.61 -15.03
CA HIS A 187 -3.45 0.85 -16.23
C HIS A 187 -1.98 0.54 -15.93
N GLN A 188 -1.29 -0.07 -16.89
CA GLN A 188 0.12 -0.42 -16.79
C GLN A 188 0.95 0.87 -16.77
N SER A 189 1.86 0.97 -15.79
CA SER A 189 2.79 2.10 -15.65
C SER A 189 4.13 1.78 -16.33
N ASP A 190 4.70 0.62 -15.98
CA ASP A 190 5.96 0.13 -16.55
C ASP A 190 6.32 -1.23 -15.93
N CYS A 191 7.42 -1.82 -16.41
CA CYS A 191 7.93 -3.09 -15.91
C CYS A 191 9.44 -2.98 -15.64
N ILE A 192 9.91 -3.72 -14.63
CA ILE A 192 11.33 -3.98 -14.41
C ILE A 192 11.57 -5.46 -14.74
N ARG A 193 12.43 -5.72 -15.72
CA ARG A 193 12.87 -7.07 -16.06
C ARG A 193 14.40 -7.10 -16.00
N ASP A 194 14.95 -7.36 -14.82
CA ASP A 194 16.41 -7.46 -14.60
C ASP A 194 16.86 -8.90 -14.90
N GLY A 195 16.12 -9.89 -14.40
CA GLY A 195 16.41 -11.31 -14.57
C GLY A 195 15.89 -12.12 -13.39
N SER A 196 16.29 -11.71 -12.18
CA SER A 196 15.81 -12.29 -10.93
C SER A 196 14.28 -12.12 -10.82
N ARG A 197 13.82 -10.89 -11.05
CA ARG A 197 12.41 -10.52 -10.88
C ARG A 197 11.88 -9.85 -12.16
N ALA A 198 10.56 -9.99 -12.35
CA ALA A 198 9.78 -9.20 -13.30
C ALA A 198 8.60 -8.58 -12.55
N LEU A 199 8.60 -7.25 -12.44
CA LEU A 199 7.61 -6.50 -11.65
C LEU A 199 6.73 -5.67 -12.59
N HIS A 200 5.41 -5.76 -12.40
CA HIS A 200 4.42 -4.95 -13.12
C HIS A 200 3.93 -3.83 -12.21
N PHE A 201 3.92 -2.60 -12.73
CA PHE A 201 3.48 -1.42 -12.00
C PHE A 201 2.19 -0.89 -12.65
N TYR A 202 1.20 -0.60 -11.80
CA TYR A 202 -0.13 -0.17 -12.23
C TYR A 202 -0.47 1.16 -11.57
N HIS A 203 -1.18 2.02 -12.30
CA HIS A 203 -1.62 3.32 -11.80
C HIS A 203 -3.12 3.49 -12.04
N CYS A 204 -3.73 4.38 -11.24
CA CYS A 204 -5.12 4.80 -11.39
C CYS A 204 -5.24 6.32 -11.18
N ASN A 205 -4.11 7.04 -11.22
CA ASN A 205 -4.03 8.47 -10.94
C ASN A 205 -2.58 8.93 -11.21
N GLY A 206 -2.26 10.16 -10.80
CA GLY A 206 -0.96 10.79 -11.00
C GLY A 206 0.19 10.08 -10.28
N ARG A 207 -0.13 9.33 -9.21
CA ARG A 207 0.88 8.56 -8.47
C ARG A 207 1.42 7.45 -9.38
N HIS A 208 2.75 7.42 -9.54
CA HIS A 208 3.43 6.53 -10.51
C HIS A 208 2.81 5.12 -10.48
N HIS A 209 2.58 4.60 -9.26
CA HIS A 209 1.81 3.38 -9.12
C HIS A 209 1.09 3.35 -7.77
N SER A 210 -0.13 2.78 -7.78
CA SER A 210 -0.91 2.48 -6.59
C SER A 210 -0.83 0.99 -6.26
N LEU A 211 -0.33 0.20 -7.22
CA LEU A 211 -0.24 -1.25 -7.07
C LEU A 211 0.89 -1.77 -7.97
N ALA A 212 1.60 -2.80 -7.48
CA ALA A 212 2.57 -3.54 -8.27
C ALA A 212 2.60 -5.00 -7.81
N ILE A 213 2.98 -5.90 -8.72
CA ILE A 213 2.99 -7.33 -8.45
C ILE A 213 4.30 -7.95 -8.97
N GLY A 214 4.78 -8.96 -8.24
CA GLY A 214 5.87 -9.85 -8.64
C GLY A 214 5.58 -11.29 -8.24
N SER A 215 6.35 -12.23 -8.79
CA SER A 215 6.19 -13.66 -8.51
C SER A 215 7.55 -14.29 -8.20
N PRO A 216 7.92 -14.49 -6.92
CA PRO A 216 9.18 -15.18 -6.59
C PRO A 216 9.22 -16.60 -7.16
N GLY A 217 8.09 -17.31 -7.09
CA GLY A 217 7.93 -18.62 -7.69
C GLY A 217 6.48 -19.11 -7.62
N PRO A 218 6.17 -20.31 -8.17
CA PRO A 218 4.82 -20.87 -8.11
C PRO A 218 4.38 -21.19 -6.67
N GLY A 219 3.08 -21.03 -6.41
CA GLY A 219 2.47 -21.39 -5.12
C GLY A 219 2.67 -20.34 -4.03
N VAL A 220 3.45 -19.29 -4.30
CA VAL A 220 3.83 -18.29 -3.30
C VAL A 220 2.89 -17.08 -3.41
N ARG A 221 2.42 -16.61 -2.25
CA ARG A 221 1.61 -15.40 -2.11
C ARG A 221 2.12 -14.59 -0.91
N GLY A 222 2.17 -13.27 -1.07
CA GLY A 222 2.67 -12.38 -0.01
C GLY A 222 2.66 -10.93 -0.44
N ALA A 223 3.27 -10.08 0.40
CA ALA A 223 3.46 -8.66 0.14
C ALA A 223 4.91 -8.29 0.46
N HIS A 224 5.52 -7.42 -0.35
CA HIS A 224 6.88 -6.97 -0.09
C HIS A 224 6.87 -5.71 0.77
N HIS A 225 6.18 -4.67 0.29
CA HIS A 225 6.14 -3.40 0.99
C HIS A 225 4.88 -2.60 0.66
N ILE A 226 4.61 -1.61 1.53
CA ILE A 226 3.72 -0.50 1.26
C ILE A 226 4.60 0.75 1.18
N MET A 227 4.14 1.78 0.46
CA MET A 227 4.91 3.01 0.30
C MET A 227 4.09 4.21 0.82
N LEU A 228 4.76 5.05 1.61
CA LEU A 228 4.25 6.34 2.05
C LEU A 228 5.13 7.44 1.46
N GLU A 229 4.50 8.49 0.94
CA GLU A 229 5.22 9.65 0.43
C GLU A 229 5.18 10.76 1.48
N VAL A 230 6.36 11.33 1.75
CA VAL A 230 6.53 12.46 2.65
C VAL A 230 6.78 13.71 1.81
N ASN A 231 6.73 14.88 2.44
CA ASN A 231 6.69 16.18 1.74
C ASN A 231 8.09 16.80 1.64
N SER A 232 9.09 16.17 2.27
CA SER A 232 10.46 16.66 2.29
C SER A 232 11.44 15.48 2.26
N ILE A 233 12.59 15.69 1.62
CA ILE A 233 13.64 14.68 1.50
C ILE A 233 14.27 14.46 2.88
N HIS A 234 14.29 15.50 3.71
CA HIS A 234 14.95 15.44 5.01
C HIS A 234 14.20 14.47 5.93
N ASP A 235 12.89 14.25 5.70
CA ASP A 235 12.08 13.31 6.45
C ASP A 235 12.55 11.88 6.19
N VAL A 236 12.93 11.60 4.93
CA VAL A 236 13.45 10.29 4.51
C VAL A 236 14.79 10.03 5.21
N GLY A 237 15.66 11.05 5.21
CA GLY A 237 16.98 10.96 5.82
C GLY A 237 16.89 10.86 7.34
N LYS A 238 16.03 11.67 7.95
CA LYS A 238 15.82 11.68 9.39
C LYS A 238 15.28 10.31 9.82
N ALA A 239 14.32 9.78 9.05
CA ALA A 239 13.65 8.50 9.35
C ALA A 239 14.67 7.36 9.43
N VAL A 240 15.68 7.38 8.54
CA VAL A 240 16.76 6.39 8.56
C VAL A 240 17.52 6.53 9.88
N ASP A 241 17.88 7.79 10.24
CA ASP A 241 18.66 8.06 11.45
C ASP A 241 17.86 7.68 12.71
N ARG A 242 16.54 7.85 12.66
CA ARG A 242 15.65 7.46 13.77
C ARG A 242 15.70 5.94 13.97
N CYS A 243 15.76 5.20 12.87
CA CYS A 243 15.81 3.74 12.90
C CYS A 243 17.14 3.27 13.50
N GLU A 244 18.24 3.93 13.11
CA GLU A 244 19.59 3.63 13.64
C GLU A 244 19.63 3.89 15.15
N LEU A 245 18.89 4.92 15.59
CA LEU A 245 18.87 5.37 16.98
C LEU A 245 18.07 4.38 17.85
N LEU A 246 16.97 3.85 17.31
CA LEU A 246 15.96 3.11 18.10
C LEU A 246 15.99 1.60 17.79
N ASP A 247 17.01 1.15 17.06
CA ASP A 247 17.23 -0.27 16.74
C ASP A 247 16.03 -0.83 15.95
N VAL A 248 15.63 -0.11 14.91
CA VAL A 248 14.67 -0.59 13.93
C VAL A 248 15.42 -0.88 12.62
N PRO A 249 15.25 -2.08 12.02
CA PRO A 249 16.02 -2.44 10.82
C PRO A 249 15.64 -1.61 9.59
N VAL A 250 16.63 -0.93 9.01
CA VAL A 250 16.56 -0.38 7.67
C VAL A 250 17.11 -1.46 6.71
N SER A 251 16.25 -1.94 5.80
CA SER A 251 16.62 -3.06 4.93
C SER A 251 17.19 -2.58 3.59
N LYS A 252 17.12 -1.27 3.34
CA LYS A 252 17.53 -0.71 2.05
C LYS A 252 17.89 0.77 2.24
N SER A 253 19.14 1.12 1.89
CA SER A 253 19.65 2.48 2.09
C SER A 253 18.93 3.45 1.16
N ILE A 254 19.03 4.75 1.49
CA ILE A 254 18.43 5.81 0.70
C ILE A 254 18.91 5.63 -0.75
N GLY A 255 17.98 5.79 -1.69
CA GLY A 255 18.23 5.54 -3.10
C GLY A 255 17.05 5.95 -3.95
N CYS A 256 17.15 5.69 -5.25
CA CYS A 256 16.21 6.19 -6.23
C CYS A 256 15.87 5.10 -7.25
N HIS A 257 14.57 4.79 -7.41
CA HIS A 257 14.12 3.75 -8.35
C HIS A 257 14.20 4.27 -9.79
N THR A 258 14.35 3.33 -10.73
CA THR A 258 14.54 3.63 -12.16
C THR A 258 13.25 4.21 -12.77
N ASN A 259 12.09 3.76 -12.28
CA ASN A 259 10.80 4.05 -12.90
C ASN A 259 10.09 5.21 -12.18
N ASP A 260 9.93 5.11 -10.85
CA ASP A 260 9.14 6.09 -10.08
C ASP A 260 10.01 7.29 -9.69
N ARG A 261 11.34 7.11 -9.72
CA ARG A 261 12.33 8.20 -9.56
C ARG A 261 12.28 8.78 -8.13
N MET A 262 11.67 8.05 -7.21
CA MET A 262 11.42 8.51 -5.85
C MET A 262 12.66 8.23 -4.97
N VAL A 263 13.07 9.22 -4.17
CA VAL A 263 14.20 9.08 -3.24
C VAL A 263 13.67 8.47 -1.94
N SER A 264 14.07 7.24 -1.64
CA SER A 264 13.41 6.44 -0.62
C SER A 264 14.38 5.48 0.08
N THR A 265 13.96 5.08 1.27
CA THR A 265 14.55 3.99 2.05
C THR A 265 13.43 2.98 2.34
N TYR A 266 13.82 1.75 2.68
CA TYR A 266 12.88 0.70 3.10
C TYR A 266 13.13 0.38 4.58
N ILE A 267 12.04 0.39 5.36
CA ILE A 267 12.08 0.09 6.79
C ILE A 267 11.36 -1.24 6.99
N PHE A 268 11.97 -2.12 7.78
CA PHE A 268 11.42 -3.42 8.15
C PHE A 268 10.48 -3.24 9.34
N SER A 269 9.20 -3.60 9.16
CA SER A 269 8.16 -3.36 10.16
C SER A 269 8.04 -4.56 11.12
N PRO A 270 7.38 -4.41 12.29
CA PRO A 270 7.15 -5.53 13.22
C PRO A 270 6.43 -6.75 12.62
N SER A 271 5.53 -6.53 11.66
CA SER A 271 5.15 -7.57 10.70
C SER A 271 6.14 -7.48 9.55
N VAL A 272 6.40 -8.59 8.86
CA VAL A 272 7.59 -8.68 8.01
C VAL A 272 7.47 -7.73 6.79
N LEU A 273 6.27 -7.21 6.55
CA LEU A 273 6.02 -6.18 5.52
C LEU A 273 6.97 -5.00 5.72
N ARG A 274 7.53 -4.50 4.61
CA ARG A 274 8.43 -3.35 4.64
C ARG A 274 7.63 -2.10 4.27
N VAL A 275 8.16 -0.94 4.68
CA VAL A 275 7.57 0.35 4.37
C VAL A 275 8.62 1.18 3.62
N GLU A 276 8.36 1.44 2.33
CA GLU A 276 9.10 2.38 1.55
C GLU A 276 8.71 3.80 1.99
N TYR A 277 9.69 4.55 2.52
CA TYR A 277 9.52 5.93 2.99
C TYR A 277 10.22 6.84 1.96
N GLY A 278 9.42 7.55 1.16
CA GLY A 278 9.91 8.15 -0.08
C GLY A 278 9.46 9.59 -0.29
N PHE A 279 10.18 10.30 -1.16
CA PHE A 279 9.94 11.70 -1.50
C PHE A 279 10.12 11.91 -3.01
N GLY A 280 9.17 12.63 -3.62
CA GLY A 280 9.35 13.27 -4.92
C GLY A 280 9.23 12.31 -6.10
N GLY A 281 8.16 11.51 -6.11
CA GLY A 281 7.89 10.59 -7.21
C GLY A 281 7.51 11.33 -8.48
N VAL A 282 7.97 10.81 -9.62
CA VAL A 282 7.56 11.28 -10.94
C VAL A 282 6.06 10.99 -11.12
N GLU A 283 5.33 11.95 -11.70
CA GLU A 283 3.87 11.90 -11.78
C GLU A 283 3.43 11.40 -13.17
N ILE A 284 2.36 10.60 -13.19
CA ILE A 284 1.74 10.09 -14.41
C ILE A 284 1.00 11.26 -15.10
N ASP A 285 1.30 11.46 -16.39
CA ASP A 285 0.69 12.52 -17.20
C ASP A 285 -0.14 11.88 -18.32
N ASP A 286 -0.86 12.71 -19.09
CA ASP A 286 -1.71 12.27 -20.20
C ASP A 286 -0.84 11.83 -21.39
N LEU A 287 0.43 12.26 -21.41
CA LEU A 287 1.41 11.90 -22.44
C LEU A 287 2.37 10.82 -21.90
N TRP A 288 1.86 9.91 -21.06
CA TRP A 288 2.67 8.91 -20.37
C TRP A 288 2.73 7.63 -21.20
N GLU A 289 3.96 7.21 -21.57
CA GLU A 289 4.20 5.95 -22.27
C GLU A 289 4.90 4.98 -21.30
N PRO A 290 4.35 3.76 -21.10
CA PRO A 290 5.06 2.72 -20.34
C PRO A 290 6.40 2.31 -20.98
N LYS A 291 7.41 2.12 -20.13
CA LYS A 291 8.76 1.71 -20.53
C LYS A 291 9.12 0.40 -19.82
N THR A 292 10.22 -0.22 -20.27
CA THR A 292 10.81 -1.39 -19.63
C THR A 292 12.20 -1.04 -19.10
N TYR A 293 12.48 -1.42 -17.85
CA TYR A 293 13.76 -1.16 -17.19
C TYR A 293 14.45 -2.51 -16.90
N SER A 294 15.79 -2.53 -16.99
CA SER A 294 16.59 -3.72 -16.72
C SER A 294 17.16 -3.68 -15.30
N ARG A 295 16.86 -2.62 -14.54
CA ARG A 295 17.33 -2.42 -13.16
C ARG A 295 16.20 -1.80 -12.32
N THR A 296 16.30 -1.99 -11.00
CA THR A 296 15.33 -1.44 -10.04
C THR A 296 15.70 -0.01 -9.64
N SER A 297 17.00 0.27 -9.47
CA SER A 297 17.44 1.53 -8.88
C SER A 297 18.48 2.22 -9.78
N ILE A 298 18.41 3.56 -9.81
CA ILE A 298 19.41 4.41 -10.47
C ILE A 298 20.67 4.45 -9.59
N TRP A 299 20.47 4.65 -8.28
CA TRP A 299 21.53 4.63 -7.28
C TRP A 299 20.94 4.25 -5.92
N GLY A 300 21.83 4.01 -4.95
CA GLY A 300 21.44 3.69 -3.58
C GLY A 300 20.69 2.38 -3.52
N HIS A 301 19.75 2.29 -2.57
CA HIS A 301 18.93 1.10 -2.33
C HIS A 301 19.85 -0.12 -2.15
N LYS A 302 20.92 0.07 -1.39
CA LYS A 302 21.83 -1.00 -1.00
C LYS A 302 21.13 -1.87 0.04
N GLU A 303 21.16 -3.19 -0.16
CA GLU A 303 20.49 -4.15 0.72
C GLU A 303 21.33 -4.32 1.99
N LEU A 304 20.82 -3.79 3.11
CA LEU A 304 21.56 -3.66 4.37
C LEU A 304 21.32 -4.86 5.29
N ARG A 305 20.17 -5.54 5.13
CA ARG A 305 19.79 -6.64 6.01
C ARG A 305 19.24 -7.81 5.17
N PRO A 306 20.09 -8.50 4.39
CA PRO A 306 19.66 -9.68 3.64
C PRO A 306 19.46 -10.93 4.52
N ASP A 307 19.82 -10.85 5.80
CA ASP A 307 19.57 -11.91 6.78
C ASP A 307 18.06 -12.07 7.01
N LEU A 308 17.34 -10.95 7.06
CA LEU A 308 15.90 -10.91 7.35
C LEU A 308 15.12 -11.62 6.23
N PRO A 309 13.84 -12.01 6.47
CA PRO A 309 13.03 -12.63 5.42
C PRO A 309 12.81 -11.65 4.27
N PRO A 310 12.97 -12.08 2.99
CA PRO A 310 12.97 -11.14 1.87
C PRO A 310 11.62 -10.44 1.66
N ALA A 311 10.53 -11.08 2.09
CA ALA A 311 9.17 -10.56 1.94
C ALA A 311 8.27 -11.11 3.06
N MET A 312 7.01 -10.66 3.08
CA MET A 312 5.98 -11.15 4.00
C MET A 312 5.16 -12.24 3.29
N ILE A 313 5.55 -13.50 3.52
CA ILE A 313 4.95 -14.66 2.85
C ILE A 313 3.71 -15.11 3.64
N ILE A 314 2.61 -15.32 2.91
CA ILE A 314 1.33 -15.71 3.48
C ILE A 314 1.13 -17.22 3.26
N GLU A 315 1.35 -17.68 2.02
CA GLU A 315 1.23 -19.08 1.62
C GLU A 315 2.47 -19.51 0.82
N ASN A 316 2.81 -20.81 0.91
CA ASN A 316 3.85 -21.45 0.09
C ASN A 316 3.19 -22.43 -0.87
#